data_8XEO
#
_entry.id   8XEO
#
_cell.length_a   58.169
_cell.length_b   61.593
_cell.length_c   66.483
_cell.angle_alpha   90.000
_cell.angle_beta   90.000
_cell.angle_gamma   90.000
#
_symmetry.space_group_name_H-M   'P 21 21 21'
#
loop_
_entity.id
_entity.type
_entity.pdbx_description
1 polymer MNT
2 water water
#
_entity_poly.entity_id   1
_entity_poly.type   'polypeptide(L)'
_entity_poly.pdbx_seq_one_letter_code
;MNEQLNHLYGLPSHAIEALKCVFKEYSQIDNAILYGSRAKGTYHQGSDIDMCLTGNLLGITELLAIENKIDDLLLPWKVD
ISLKHTIDNPDLLEHIERAGILFYTKES
;
_entity_poly.pdbx_strand_id   A,B
#
# COMPACT_ATOMS: atom_id res chain seq x y z
N LEU A 8 0.86 10.88 -10.10
CA LEU A 8 2.19 10.72 -10.68
C LEU A 8 2.24 9.52 -11.62
N TYR A 9 2.87 9.70 -12.77
CA TYR A 9 2.94 8.67 -13.82
C TYR A 9 1.56 8.16 -14.20
N GLY A 10 0.55 9.03 -14.10
CA GLY A 10 -0.82 8.62 -14.35
C GLY A 10 -1.30 7.52 -13.42
N LEU A 11 -0.79 7.49 -12.19
CA LEU A 11 -1.15 6.47 -11.22
C LEU A 11 -1.76 7.12 -9.99
N PRO A 12 -2.71 6.45 -9.34
CA PRO A 12 -3.23 6.97 -8.08
C PRO A 12 -2.22 6.81 -6.96
N SER A 13 -2.33 7.70 -5.96
CA SER A 13 -1.34 7.71 -4.89
C SER A 13 -1.33 6.39 -4.13
N HIS A 14 -2.50 5.81 -3.88
CA HIS A 14 -2.56 4.58 -3.09
C HIS A 14 -1.94 3.41 -3.83
N ALA A 15 -1.99 3.40 -5.16
CA ALA A 15 -1.32 2.35 -5.92
C ALA A 15 0.19 2.53 -5.86
N ILE A 16 0.67 3.78 -5.92
CA ILE A 16 2.11 4.02 -5.83
C ILE A 16 2.65 3.55 -4.49
N GLU A 17 1.93 3.84 -3.40
CA GLU A 17 2.39 3.42 -2.08
C GLU A 17 2.28 1.91 -1.91
N ALA A 18 1.21 1.31 -2.45
CA ALA A 18 1.07 -0.14 -2.38
C ALA A 18 2.23 -0.84 -3.07
N LEU A 19 2.61 -0.37 -4.25
CA LEU A 19 3.79 -0.91 -4.92
C LEU A 19 5.04 -0.66 -4.10
N LYS A 20 5.17 0.55 -3.55
CA LYS A 20 6.29 0.86 -2.68
C LYS A 20 6.27 0.01 -1.42
N CYS A 21 5.07 -0.41 -0.99
CA CYS A 21 4.95 -1.24 0.20
C CYS A 21 5.65 -2.58 0.00
N VAL A 22 5.40 -3.22 -1.14
CA VAL A 22 6.06 -4.49 -1.44
C VAL A 22 7.57 -4.31 -1.53
N PHE A 23 8.01 -3.22 -2.16
CA PHE A 23 9.44 -2.97 -2.27
C PHE A 23 10.06 -2.72 -0.90
N LYS A 24 9.32 -2.06 0.00
CA LYS A 24 9.84 -1.81 1.34
C LYS A 24 10.04 -3.11 2.11
N GLU A 25 9.25 -4.14 1.81
CA GLU A 25 9.32 -5.39 2.56
C GLU A 25 10.59 -6.18 2.29
N TYR A 26 11.36 -5.83 1.27
CA TYR A 26 12.53 -6.60 0.88
C TYR A 26 13.77 -5.72 1.04
N SER A 27 14.67 -6.13 1.94
CA SER A 27 15.87 -5.35 2.20
C SER A 27 16.89 -5.45 1.07
N GLN A 28 16.82 -6.49 0.26
CA GLN A 28 17.76 -6.63 -0.85
C GLN A 28 17.52 -5.59 -1.94
N ILE A 29 16.31 -5.05 -2.01
CA ILE A 29 16.00 -3.98 -2.97
C ILE A 29 16.70 -2.70 -2.53
N ASP A 30 17.50 -2.14 -3.42
CA ASP A 30 18.12 -0.84 -3.16
C ASP A 30 17.26 0.30 -3.71
N ASN A 31 16.97 0.25 -5.01
CA ASN A 31 16.08 1.23 -5.63
C ASN A 31 15.11 0.51 -6.56
N ALA A 32 14.06 1.23 -6.94
CA ALA A 32 13.09 0.76 -7.92
C ALA A 32 12.95 1.83 -8.98
N ILE A 33 13.31 1.51 -10.22
CA ILE A 33 13.34 2.46 -11.32
C ILE A 33 12.14 2.18 -12.21
N LEU A 34 11.32 3.19 -12.44
CA LEU A 34 10.15 3.09 -13.31
C LEU A 34 10.51 3.61 -14.69
N TYR A 35 10.40 2.75 -15.69
CA TYR A 35 10.72 3.10 -17.07
C TYR A 35 9.51 2.78 -17.95
N GLY A 36 9.73 2.82 -19.26
CA GLY A 36 8.69 2.43 -20.21
C GLY A 36 7.80 3.58 -20.65
N SER A 37 6.54 3.26 -20.97
CA SER A 37 5.59 4.29 -21.36
C SER A 37 5.44 5.34 -20.26
N ARG A 38 5.23 4.88 -19.02
CA ARG A 38 5.32 5.78 -17.89
C ARG A 38 6.76 6.26 -17.70
N ALA A 39 6.91 7.35 -16.96
CA ALA A 39 8.11 8.18 -16.88
C ALA A 39 8.34 8.95 -18.18
N LYS A 40 7.53 8.72 -19.20
CA LYS A 40 7.48 9.54 -20.41
C LYS A 40 6.02 9.90 -20.67
N GLY A 41 5.80 10.75 -21.67
CA GLY A 41 4.45 11.18 -21.94
C GLY A 41 3.57 10.17 -22.66
N THR A 42 4.15 9.06 -23.12
CA THR A 42 3.42 8.17 -24.01
C THR A 42 2.35 7.35 -23.29
N TYR A 43 2.45 7.21 -21.97
CA TYR A 43 1.53 6.34 -21.25
C TYR A 43 0.11 6.86 -21.35
N HIS A 44 -0.85 5.94 -21.25
CA HIS A 44 -2.26 6.28 -21.21
C HIS A 44 -2.93 5.57 -20.04
N GLN A 45 -4.25 5.54 -19.99
CA GLN A 45 -4.95 4.74 -19.01
C GLN A 45 -4.97 3.29 -19.49
N GLY A 46 -4.38 2.40 -18.70
CA GLY A 46 -4.22 1.02 -19.10
C GLY A 46 -2.83 0.64 -19.53
N SER A 47 -1.90 1.59 -19.57
CA SER A 47 -0.51 1.28 -19.90
C SER A 47 0.14 0.46 -18.79
N ASP A 48 1.13 -0.34 -19.17
CA ASP A 48 1.75 -1.26 -18.24
C ASP A 48 2.70 -0.51 -17.30
N ILE A 49 3.07 -1.20 -16.22
CA ILE A 49 3.99 -0.68 -15.22
C ILE A 49 5.32 -1.38 -15.41
N ASP A 50 6.32 -0.65 -15.91
CA ASP A 50 7.65 -1.19 -16.16
C ASP A 50 8.56 -0.76 -15.01
N MET A 51 9.02 -1.73 -14.22
CA MET A 51 9.80 -1.46 -13.02
C MET A 51 11.06 -2.31 -13.05
N CYS A 52 12.21 -1.66 -12.92
CA CYS A 52 13.50 -2.32 -12.82
C CYS A 52 14.01 -2.16 -11.40
N LEU A 53 14.31 -3.28 -10.74
CA LEU A 53 14.80 -3.27 -9.38
C LEU A 53 16.33 -3.33 -9.37
N THR A 54 16.95 -2.53 -8.50
CA THR A 54 18.39 -2.53 -8.34
C THR A 54 18.77 -3.25 -7.06
N GLY A 55 19.70 -4.17 -7.18
CA GLY A 55 20.22 -4.88 -6.03
C GLY A 55 21.22 -5.91 -6.50
N ASN A 56 22.02 -6.39 -5.57
CA ASN A 56 22.96 -7.46 -5.86
C ASN A 56 22.69 -8.72 -5.05
N LEU A 57 21.85 -8.63 -4.02
CA LEU A 57 21.41 -9.81 -3.30
C LEU A 57 20.18 -10.45 -3.93
N LEU A 58 19.46 -9.71 -4.75
CA LEU A 58 18.22 -10.20 -5.36
C LEU A 58 18.51 -11.30 -6.38
N GLY A 59 17.63 -12.29 -6.43
CA GLY A 59 17.71 -13.35 -7.42
C GLY A 59 16.33 -13.80 -7.85
N ILE A 60 16.22 -15.05 -8.34
CA ILE A 60 14.97 -15.48 -8.95
C ILE A 60 13.89 -15.69 -7.89
N THR A 61 14.27 -16.25 -6.73
CA THR A 61 13.26 -16.60 -5.72
C THR A 61 12.59 -15.35 -5.17
N GLU A 62 13.40 -14.34 -4.81
CA GLU A 62 12.86 -13.03 -4.46
C GLU A 62 11.98 -12.49 -5.58
N LEU A 63 12.57 -12.33 -6.77
CA LEU A 63 11.84 -11.86 -7.95
C LEU A 63 10.45 -12.48 -8.03
N LEU A 64 10.38 -13.82 -8.08
CA LEU A 64 9.10 -14.50 -8.14
C LEU A 64 8.19 -14.09 -6.98
N ALA A 65 8.75 -13.98 -5.78
CA ALA A 65 7.95 -13.62 -4.62
C ALA A 65 7.42 -12.20 -4.73
N ILE A 66 8.25 -11.24 -5.16
CA ILE A 66 7.75 -9.88 -5.32
C ILE A 66 6.64 -9.81 -6.35
N GLU A 67 6.79 -10.51 -7.48
CA GLU A 67 5.73 -10.48 -8.49
C GLU A 67 4.44 -11.08 -7.95
N ASN A 68 4.55 -12.14 -7.15
CA ASN A 68 3.35 -12.72 -6.55
C ASN A 68 2.70 -11.77 -5.55
N LYS A 69 3.52 -11.09 -4.74
CA LYS A 69 2.97 -10.14 -3.78
C LYS A 69 2.27 -8.98 -4.49
N ILE A 70 2.77 -8.56 -5.65
CA ILE A 70 2.10 -7.52 -6.42
C ILE A 70 0.90 -8.10 -7.16
N ASP A 71 0.94 -9.39 -7.50
CA ASP A 71 -0.25 -10.04 -8.06
C ASP A 71 -1.38 -10.04 -7.04
N ASP A 72 -1.06 -10.18 -5.75
CA ASP A 72 -2.07 -10.10 -4.72
C ASP A 72 -2.72 -8.72 -4.65
N LEU A 73 -2.02 -7.68 -5.12
CA LEU A 73 -2.57 -6.34 -5.09
C LEU A 73 -3.77 -6.17 -6.01
N LEU A 74 -3.88 -7.01 -7.06
CA LEU A 74 -5.00 -6.98 -7.99
C LEU A 74 -5.10 -5.63 -8.69
N LEU A 75 -3.96 -5.14 -9.18
CA LEU A 75 -3.94 -3.86 -9.89
C LEU A 75 -4.50 -4.02 -11.29
N PRO A 76 -5.16 -2.99 -11.82
CA PRO A 76 -5.68 -3.09 -13.20
C PRO A 76 -4.58 -3.20 -14.24
N TRP A 77 -3.48 -2.47 -14.04
CA TRP A 77 -2.40 -2.47 -15.01
C TRP A 77 -1.46 -3.65 -14.79
N LYS A 78 -0.91 -4.16 -15.89
CA LYS A 78 0.08 -5.22 -15.80
C LYS A 78 1.41 -4.64 -15.32
N VAL A 79 2.08 -5.37 -14.43
CA VAL A 79 3.34 -4.94 -13.85
C VAL A 79 4.44 -5.86 -14.34
N ASP A 80 5.45 -5.28 -14.97
CA ASP A 80 6.64 -6.00 -15.41
C ASP A 80 7.78 -5.67 -14.47
N ILE A 81 8.36 -6.68 -13.84
CA ILE A 81 9.45 -6.51 -12.89
C ILE A 81 10.70 -7.14 -13.47
N SER A 82 11.79 -6.38 -13.47
CA SER A 82 13.07 -6.85 -13.99
C SER A 82 14.16 -6.58 -12.96
N LEU A 83 15.22 -7.38 -13.01
CA LEU A 83 16.41 -7.15 -12.21
C LEU A 83 17.48 -6.53 -13.08
N LYS A 84 18.15 -5.49 -12.56
CA LYS A 84 19.12 -4.77 -13.37
C LYS A 84 20.31 -5.66 -13.74
N HIS A 85 20.81 -6.45 -12.78
CA HIS A 85 21.95 -7.31 -13.05
C HIS A 85 21.62 -8.48 -13.96
N THR A 86 20.35 -8.65 -14.36
CA THR A 86 19.97 -9.70 -15.28
C THR A 86 19.59 -9.20 -16.66
N ILE A 87 19.47 -7.88 -16.84
CA ILE A 87 19.11 -7.31 -18.13
C ILE A 87 20.26 -7.58 -19.10
N ASP A 88 20.00 -8.42 -20.10
CA ASP A 88 21.00 -8.75 -21.11
C ASP A 88 20.81 -7.97 -22.39
N ASN A 89 19.74 -7.18 -22.50
CA ASN A 89 19.51 -6.34 -23.66
C ASN A 89 20.15 -4.98 -23.40
N PRO A 90 21.24 -4.63 -24.08
CA PRO A 90 21.88 -3.33 -23.80
C PRO A 90 21.01 -2.14 -24.15
N ASP A 91 20.16 -2.26 -25.17
CA ASP A 91 19.26 -1.16 -25.51
C ASP A 91 18.27 -0.90 -24.39
N LEU A 92 17.74 -1.96 -23.78
CA LEU A 92 16.88 -1.81 -22.62
C LEU A 92 17.63 -1.12 -21.47
N LEU A 93 18.80 -1.65 -21.12
CA LEU A 93 19.55 -1.11 -19.99
C LEU A 93 19.92 0.34 -20.20
N GLU A 94 20.28 0.73 -21.42
CA GLU A 94 20.60 2.12 -21.70
C GLU A 94 19.39 3.01 -21.47
N HIS A 95 18.20 2.55 -21.90
CA HIS A 95 16.98 3.33 -21.70
C HIS A 95 16.64 3.46 -20.22
N ILE A 96 16.90 2.42 -19.43
CA ILE A 96 16.62 2.48 -18.00
C ILE A 96 17.50 3.52 -17.33
N GLU A 97 18.76 3.64 -17.77
CA GLU A 97 19.61 4.72 -17.27
C GLU A 97 19.24 6.05 -17.89
N ARG A 98 18.76 6.05 -19.14
CA ARG A 98 18.46 7.29 -19.83
C ARG A 98 17.21 7.96 -19.26
N ALA A 99 16.08 7.24 -19.30
CA ALA A 99 14.78 7.83 -18.98
C ALA A 99 14.17 7.27 -17.70
N GLY A 100 14.90 6.45 -16.96
CA GLY A 100 14.34 5.87 -15.75
C GLY A 100 14.17 6.90 -14.64
N ILE A 101 13.03 6.84 -13.98
CA ILE A 101 12.72 7.71 -12.85
C ILE A 101 12.71 6.87 -11.58
N LEU A 102 13.31 7.40 -10.52
CA LEU A 102 13.42 6.66 -9.25
C LEU A 102 12.05 6.58 -8.58
N PHE A 103 11.54 5.36 -8.46
CA PHE A 103 10.22 5.12 -7.89
C PHE A 103 10.29 4.83 -6.40
N TYR A 104 11.29 4.08 -5.95
CA TYR A 104 11.44 3.71 -4.55
C TYR A 104 12.92 3.70 -4.18
N THR A 105 13.21 4.14 -2.96
CA THR A 105 14.57 4.14 -2.43
C THR A 105 14.56 3.59 -1.02
N LYS A 106 15.62 2.85 -0.67
CA LYS A 106 15.78 2.27 0.66
C LYS A 106 15.45 3.23 1.80
N HIS B 7 -14.10 -8.30 -3.50
CA HIS B 7 -13.80 -7.08 -2.76
C HIS B 7 -14.08 -7.27 -1.27
N LEU B 8 -13.03 -7.56 -0.52
CA LEU B 8 -13.17 -7.70 0.93
C LEU B 8 -13.59 -6.38 1.55
N TYR B 9 -14.65 -6.43 2.37
CA TYR B 9 -15.28 -5.25 2.96
C TYR B 9 -15.73 -4.25 1.89
N GLY B 10 -15.87 -4.71 0.66
CA GLY B 10 -16.19 -3.82 -0.45
C GLY B 10 -15.02 -3.03 -1.00
N LEU B 11 -13.83 -3.16 -0.40
CA LEU B 11 -12.65 -2.44 -0.84
C LEU B 11 -11.75 -3.30 -1.70
N PRO B 12 -11.06 -2.72 -2.67
CA PRO B 12 -10.10 -3.49 -3.46
C PRO B 12 -8.90 -3.89 -2.62
N SER B 13 -8.14 -4.86 -3.14
CA SER B 13 -7.03 -5.42 -2.38
C SER B 13 -5.91 -4.41 -2.18
N HIS B 14 -5.65 -3.57 -3.19
CA HIS B 14 -4.55 -2.60 -3.07
C HIS B 14 -4.85 -1.53 -2.04
N ALA B 15 -6.12 -1.12 -1.92
CA ALA B 15 -6.47 -0.15 -0.89
C ALA B 15 -6.28 -0.74 0.50
N ILE B 16 -6.62 -2.02 0.68
CA ILE B 16 -6.42 -2.68 1.97
C ILE B 16 -4.94 -2.76 2.30
N GLU B 17 -4.10 -3.11 1.32
CA GLU B 17 -2.67 -3.24 1.56
C GLU B 17 -2.03 -1.89 1.85
N ALA B 18 -2.51 -0.82 1.19
CA ALA B 18 -2.01 0.51 1.48
C ALA B 18 -2.34 0.93 2.90
N LEU B 19 -3.60 0.73 3.31
CA LEU B 19 -4.00 1.04 4.69
C LEU B 19 -3.20 0.20 5.68
N LYS B 20 -3.07 -1.10 5.42
CA LYS B 20 -2.26 -1.95 6.27
C LYS B 20 -0.81 -1.47 6.32
N CYS B 21 -0.30 -0.98 5.19
CA CYS B 21 1.10 -0.57 5.11
C CYS B 21 1.37 0.59 6.06
N VAL B 22 0.47 1.56 6.14
CA VAL B 22 0.65 2.68 7.06
C VAL B 22 0.63 2.19 8.50
N PHE B 23 -0.17 1.16 8.80
CA PHE B 23 -0.18 0.60 10.14
C PHE B 23 1.13 -0.11 10.46
N LYS B 24 1.78 -0.70 9.45
CA LYS B 24 3.06 -1.38 9.68
C LYS B 24 4.15 -0.39 10.06
N GLU B 25 4.05 0.86 9.60
CA GLU B 25 5.08 1.85 9.88
C GLU B 25 5.18 2.18 11.36
N TYR B 26 4.19 1.80 12.17
CA TYR B 26 4.13 2.15 13.59
C TYR B 26 4.08 0.87 14.40
N SER B 27 5.15 0.60 15.14
CA SER B 27 5.21 -0.58 16.00
C SER B 27 4.23 -0.49 17.16
N GLN B 28 3.83 0.73 17.56
CA GLN B 28 2.91 0.89 18.67
C GLN B 28 1.53 0.32 18.36
N ILE B 29 1.16 0.21 17.08
CA ILE B 29 -0.13 -0.38 16.72
C ILE B 29 -0.04 -1.88 16.95
N ASP B 30 -0.67 -2.37 18.01
CA ASP B 30 -0.76 -3.81 18.20
C ASP B 30 -1.80 -4.44 17.28
N ASN B 31 -2.91 -3.73 17.04
CA ASN B 31 -4.03 -4.29 16.31
C ASN B 31 -4.77 -3.15 15.62
N ALA B 32 -5.42 -3.49 14.50
CA ALA B 32 -6.30 -2.57 13.80
C ALA B 32 -7.64 -3.26 13.61
N ILE B 33 -8.70 -2.64 14.11
CA ILE B 33 -10.04 -3.22 14.11
C ILE B 33 -10.92 -2.43 13.14
N LEU B 34 -11.53 -3.12 12.20
CA LEU B 34 -12.50 -2.52 11.30
C LEU B 34 -13.91 -2.70 11.86
N TYR B 35 -14.67 -1.62 11.92
CA TYR B 35 -16.03 -1.64 12.44
C TYR B 35 -16.92 -0.77 11.58
N GLY B 36 -18.22 -0.82 11.85
CA GLY B 36 -19.17 -0.03 11.09
C GLY B 36 -19.79 -0.81 9.94
N SER B 37 -20.15 -0.09 8.87
CA SER B 37 -20.84 -0.73 7.76
C SER B 37 -19.95 -1.76 7.06
N ARG B 38 -18.66 -1.45 6.91
CA ARG B 38 -17.76 -2.36 6.20
C ARG B 38 -17.65 -3.70 6.92
N ALA B 39 -17.53 -3.68 8.25
CA ALA B 39 -17.48 -4.94 9.00
C ALA B 39 -18.85 -5.60 9.07
N LYS B 40 -19.92 -4.80 9.07
CA LYS B 40 -21.26 -5.36 9.15
C LYS B 40 -21.67 -6.00 7.82
N GLY B 41 -21.14 -5.51 6.71
CA GLY B 41 -21.66 -5.87 5.41
C GLY B 41 -22.76 -4.95 4.91
N THR B 42 -23.21 -4.01 5.73
CA THR B 42 -24.25 -3.06 5.37
C THR B 42 -23.71 -1.79 4.73
N TYR B 43 -22.62 -1.90 3.98
CA TYR B 43 -21.96 -0.74 3.40
C TYR B 43 -22.46 -0.45 1.99
N HIS B 44 -22.19 0.76 1.54
CA HIS B 44 -22.35 1.16 0.15
C HIS B 44 -21.01 1.65 -0.38
N GLN B 45 -20.99 2.03 -1.67
CA GLN B 45 -19.75 2.50 -2.26
C GLN B 45 -19.25 3.78 -1.60
N GLY B 46 -20.16 4.62 -1.11
CA GLY B 46 -19.78 5.83 -0.42
C GLY B 46 -19.55 5.68 1.06
N SER B 47 -19.70 4.47 1.60
CA SER B 47 -19.52 4.25 3.03
C SER B 47 -18.09 4.56 3.44
N ASP B 48 -17.94 5.14 4.63
CA ASP B 48 -16.64 5.46 5.17
C ASP B 48 -15.95 4.20 5.70
N ILE B 49 -14.65 4.31 5.94
CA ILE B 49 -13.84 3.24 6.50
C ILE B 49 -13.55 3.59 7.95
N ASP B 50 -14.18 2.88 8.88
CA ASP B 50 -14.05 3.15 10.31
C ASP B 50 -13.07 2.17 10.91
N MET B 51 -11.92 2.68 11.37
CA MET B 51 -10.88 1.85 11.95
C MET B 51 -10.62 2.27 13.39
N CYS B 52 -10.32 1.29 14.23
CA CYS B 52 -9.98 1.51 15.63
C CYS B 52 -8.66 0.82 15.92
N LEU B 53 -7.63 1.59 16.24
CA LEU B 53 -6.31 1.07 16.53
C LEU B 53 -6.19 0.78 18.02
N THR B 54 -5.54 -0.33 18.35
CA THR B 54 -5.25 -0.69 19.73
C THR B 54 -3.76 -0.60 19.96
N GLY B 55 -3.37 0.13 20.99
CA GLY B 55 -1.97 0.35 21.32
C GLY B 55 -1.84 1.39 22.40
N ASN B 56 -1.39 0.97 23.59
CA ASN B 56 -1.31 1.89 24.71
C ASN B 56 -0.28 2.99 24.47
N LEU B 57 0.76 2.71 23.67
CA LEU B 57 1.78 3.70 23.38
C LEU B 57 1.30 4.76 22.38
N LEU B 58 0.16 4.53 21.73
CA LEU B 58 -0.35 5.47 20.74
C LEU B 58 -0.78 6.78 21.40
N GLY B 59 -0.34 7.90 20.84
CA GLY B 59 -0.75 9.20 21.34
C GLY B 59 -1.32 10.09 20.25
N ILE B 60 -1.53 11.36 20.57
CA ILE B 60 -2.08 12.28 19.58
C ILE B 60 -1.10 12.50 18.45
N THR B 61 0.20 12.53 18.76
CA THR B 61 1.20 12.77 17.73
C THR B 61 1.24 11.62 16.72
N GLU B 62 1.04 10.39 17.17
CA GLU B 62 0.94 9.27 16.24
C GLU B 62 -0.36 9.34 15.45
N LEU B 63 -1.48 9.53 16.15
CA LEU B 63 -2.79 9.58 15.51
C LEU B 63 -2.82 10.55 14.34
N LEU B 64 -2.32 11.78 14.56
CA LEU B 64 -2.27 12.76 13.49
C LEU B 64 -1.34 12.31 12.37
N ALA B 65 -0.28 11.56 12.70
CA ALA B 65 0.66 11.12 11.68
C ALA B 65 0.04 10.05 10.78
N ILE B 66 -0.72 9.12 11.36
CA ILE B 66 -1.42 8.14 10.54
C ILE B 66 -2.51 8.81 9.70
N GLU B 67 -3.29 9.70 10.32
CA GLU B 67 -4.32 10.40 9.57
C GLU B 67 -3.74 11.14 8.37
N ASN B 68 -2.58 11.78 8.55
CA ASN B 68 -1.97 12.51 7.46
C ASN B 68 -1.52 11.57 6.34
N LYS B 69 -0.95 10.42 6.69
CA LYS B 69 -0.50 9.47 5.68
C LYS B 69 -1.67 8.83 4.96
N ILE B 70 -2.74 8.51 5.70
CA ILE B 70 -3.93 7.95 5.05
C ILE B 70 -4.57 8.98 4.14
N ASP B 71 -4.61 10.24 4.57
CA ASP B 71 -5.15 11.29 3.72
C ASP B 71 -4.36 11.43 2.43
N ASP B 72 -3.03 11.30 2.52
CA ASP B 72 -2.20 11.38 1.33
C ASP B 72 -2.42 10.21 0.38
N LEU B 73 -3.01 9.12 0.85
CA LEU B 73 -3.38 8.03 -0.04
C LEU B 73 -4.42 8.47 -1.08
N LEU B 74 -5.18 9.52 -0.78
CA LEU B 74 -6.21 10.04 -1.68
C LEU B 74 -7.23 8.95 -2.04
N LEU B 75 -7.69 8.24 -1.01
CA LEU B 75 -8.71 7.22 -1.22
C LEU B 75 -10.07 7.87 -1.48
N PRO B 76 -10.92 7.22 -2.29
CA PRO B 76 -12.27 7.78 -2.50
C PRO B 76 -13.13 7.78 -1.24
N TRP B 77 -12.89 6.84 -0.33
CA TRP B 77 -13.68 6.70 0.89
C TRP B 77 -12.97 7.38 2.05
N LYS B 78 -13.76 7.99 2.94
CA LYS B 78 -13.21 8.65 4.10
C LYS B 78 -12.82 7.62 5.15
N VAL B 79 -11.70 7.87 5.83
CA VAL B 79 -11.14 6.94 6.81
C VAL B 79 -11.14 7.64 8.15
N ASP B 80 -11.99 7.17 9.06
CA ASP B 80 -12.06 7.69 10.43
C ASP B 80 -11.30 6.73 11.33
N ILE B 81 -10.12 7.15 11.80
CA ILE B 81 -9.26 6.34 12.64
C ILE B 81 -9.45 6.74 14.09
N SER B 82 -9.54 5.74 14.97
CA SER B 82 -9.77 5.99 16.39
C SER B 82 -8.78 5.18 17.21
N LEU B 83 -8.60 5.61 18.45
CA LEU B 83 -7.78 4.91 19.43
C LEU B 83 -8.69 4.28 20.48
N LYS B 84 -8.53 2.97 20.69
CA LYS B 84 -9.44 2.24 21.58
C LYS B 84 -9.40 2.80 23.00
N HIS B 85 -8.20 3.08 23.52
CA HIS B 85 -8.07 3.58 24.88
C HIS B 85 -8.60 5.00 25.04
N THR B 86 -8.97 5.66 23.95
CA THR B 86 -9.50 7.02 23.99
C THR B 86 -11.03 7.06 23.97
N ILE B 87 -11.67 6.06 23.37
CA ILE B 87 -13.12 5.97 23.26
C ILE B 87 -13.79 6.15 24.62
N ASP B 88 -14.62 7.17 24.74
CA ASP B 88 -15.43 7.39 25.93
C ASP B 88 -16.88 6.97 25.76
N ASN B 89 -17.30 6.65 24.53
CA ASN B 89 -18.67 6.27 24.26
C ASN B 89 -18.85 4.78 24.52
N PRO B 90 -19.63 4.38 25.52
CA PRO B 90 -19.83 2.93 25.75
C PRO B 90 -20.58 2.24 24.62
N ASP B 91 -21.50 2.95 23.96
CA ASP B 91 -22.19 2.35 22.82
C ASP B 91 -21.24 2.08 21.67
N LEU B 92 -20.29 2.99 21.44
CA LEU B 92 -19.30 2.76 20.39
C LEU B 92 -18.37 1.61 20.76
N LEU B 93 -17.92 1.56 22.02
CA LEU B 93 -17.02 0.50 22.45
C LEU B 93 -17.68 -0.87 22.33
N GLU B 94 -18.93 -0.98 22.78
CA GLU B 94 -19.64 -2.25 22.72
C GLU B 94 -19.71 -2.76 21.29
N HIS B 95 -20.01 -1.88 20.33
CA HIS B 95 -20.07 -2.30 18.95
C HIS B 95 -18.71 -2.77 18.45
N ILE B 96 -17.65 -2.05 18.82
CA ILE B 96 -16.30 -2.42 18.36
C ILE B 96 -15.91 -3.78 18.91
N GLU B 97 -16.18 -4.02 20.20
CA GLU B 97 -15.83 -5.30 20.79
C GLU B 97 -16.74 -6.44 20.31
N ARG B 98 -17.97 -6.12 19.89
CA ARG B 98 -18.89 -7.17 19.45
C ARG B 98 -18.77 -7.43 17.95
N ALA B 99 -18.76 -6.39 17.13
CA ALA B 99 -18.81 -6.53 15.68
C ALA B 99 -17.50 -6.13 15.01
N GLY B 100 -16.42 -5.96 15.78
CA GLY B 100 -15.16 -5.59 15.18
C GLY B 100 -14.52 -6.73 14.41
N ILE B 101 -13.78 -6.36 13.36
CA ILE B 101 -13.09 -7.32 12.50
C ILE B 101 -11.60 -7.01 12.53
N LEU B 102 -10.79 -8.07 12.61
CA LEU B 102 -9.34 -7.94 12.69
C LEU B 102 -8.79 -7.48 11.34
N PHE B 103 -8.45 -6.20 11.24
CA PHE B 103 -7.92 -5.64 9.99
C PHE B 103 -6.42 -5.81 9.86
N TYR B 104 -5.68 -5.75 10.97
CA TYR B 104 -4.24 -5.79 10.93
C TYR B 104 -3.70 -6.20 12.30
N THR B 105 -2.68 -7.04 12.30
CA THR B 105 -1.96 -7.45 13.50
C THR B 105 -0.50 -7.05 13.36
N LYS B 106 0.12 -6.65 14.47
CA LYS B 106 1.48 -6.09 14.49
C LYS B 106 2.46 -6.81 13.58
#